data_8B15
#
_entry.id   8B15
#
_cell.length_a   40.273
_cell.length_b   40.273
_cell.length_c   162.422
_cell.angle_alpha   90.000
_cell.angle_beta   90.000
_cell.angle_gamma   120.000
#
_symmetry.space_group_name_H-M   'P 31'
#
loop_
_entity.id
_entity.type
_entity.pdbx_description
1 polymer CC-Pent2-I10Q
2 water water
#
_entity_poly.entity_id   1
_entity_poly.type   'polypeptide(L)'
_entity_poly.pdbx_seq_one_letter_code
;(ACE)GEIAQTLKEQAKTLKEIAWTLKEIAQTLKG(NH2)
;
_entity_poly.pdbx_strand_id   A,B,C,D,E,F,G,H,I,L
#
loop_
_chem_comp.id
_chem_comp.type
_chem_comp.name
_chem_comp.formula
ACE non-polymer 'ACETYL GROUP' 'C2 H4 O'
NH2 non-polymer 'AMINO GROUP' 'H2 N'
#
# COMPACT_ATOMS: atom_id res chain seq x y z
N GLY A 2 -1.09 26.26 2.48
CA GLY A 2 0.15 27.02 2.25
C GLY A 2 1.27 26.15 1.69
N GLU A 3 2.46 26.75 1.55
CA GLU A 3 3.57 26.13 0.86
C GLU A 3 4.04 24.86 1.58
N ILE A 4 4.20 24.93 2.92
CA ILE A 4 4.71 23.76 3.64
C ILE A 4 3.69 22.63 3.56
N ALA A 5 2.42 22.94 3.89
CA ALA A 5 1.36 21.95 3.84
C ALA A 5 1.32 21.25 2.48
N GLN A 6 1.48 22.03 1.41
CA GLN A 6 1.34 21.53 0.05
C GLN A 6 2.53 20.65 -0.31
N THR A 7 3.74 21.07 0.09
CA THR A 7 4.91 20.25 -0.14
C THR A 7 4.74 18.89 0.52
N LEU A 8 4.25 18.87 1.77
CA LEU A 8 4.11 17.63 2.49
C LEU A 8 3.08 16.73 1.80
N LYS A 9 1.99 17.33 1.31
CA LYS A 9 0.96 16.57 0.60
C LYS A 9 1.53 15.99 -0.68
N GLU A 10 2.35 16.77 -1.40
CA GLU A 10 2.96 16.28 -2.62
C GLU A 10 3.88 15.10 -2.31
N GLN A 11 4.66 15.23 -1.23
CA GLN A 11 5.55 14.15 -0.82
C GLN A 11 4.76 12.87 -0.55
N ALA A 12 3.63 12.99 0.16
CA ALA A 12 2.81 11.85 0.50
C ALA A 12 2.31 11.16 -0.77
N LYS A 13 1.89 11.97 -1.76
CA LYS A 13 1.36 11.46 -3.00
C LYS A 13 2.46 10.69 -3.76
N THR A 14 3.66 11.29 -3.83
CA THR A 14 4.75 10.67 -4.55
C THR A 14 5.13 9.35 -3.87
N LEU A 15 5.14 9.35 -2.53
CA LEU A 15 5.46 8.13 -1.78
C LEU A 15 4.50 7.02 -2.13
N LYS A 16 3.20 7.33 -2.27
CA LYS A 16 2.21 6.33 -2.63
C LYS A 16 2.51 5.76 -4.02
N GLU A 17 2.92 6.62 -4.96
CA GLU A 17 3.26 6.14 -6.30
C GLU A 17 4.45 5.17 -6.22
N ILE A 18 5.46 5.57 -5.45
CA ILE A 18 6.66 4.77 -5.26
C ILE A 18 6.30 3.40 -4.69
N ALA A 19 5.43 3.40 -3.67
CA ALA A 19 5.01 2.16 -3.03
C ALA A 19 4.33 1.25 -4.04
N TRP A 20 3.45 1.83 -4.88
CA TRP A 20 2.70 1.04 -5.84
C TRP A 20 3.63 0.43 -6.90
N THR A 21 4.54 1.23 -7.44
CA THR A 21 5.45 0.77 -8.47
C THR A 21 6.31 -0.37 -7.93
N LEU A 22 6.77 -0.24 -6.67
CA LEU A 22 7.56 -1.28 -6.05
C LEU A 22 6.78 -2.57 -5.90
N LYS A 23 5.49 -2.45 -5.53
CA LYS A 23 4.64 -3.63 -5.43
C LYS A 23 4.54 -4.33 -6.78
N GLU A 24 4.42 -3.56 -7.87
CA GLU A 24 4.35 -4.13 -9.20
C GLU A 24 5.63 -4.90 -9.51
N ILE A 25 6.77 -4.30 -9.17
CA ILE A 25 8.07 -4.92 -9.43
C ILE A 25 8.16 -6.22 -8.63
N ALA A 26 7.83 -6.18 -7.34
CA ALA A 26 7.92 -7.35 -6.49
C ALA A 26 7.02 -8.47 -7.02
N GLN A 27 5.84 -8.10 -7.53
CA GLN A 27 4.85 -9.05 -7.97
C GLN A 27 5.42 -9.93 -9.10
N THR A 28 6.14 -9.31 -10.05
CA THR A 28 6.64 -10.05 -11.18
C THR A 28 7.78 -10.99 -10.78
N LEU A 29 8.46 -10.70 -9.67
CA LEU A 29 9.59 -11.51 -9.22
C LEU A 29 9.14 -12.60 -8.26
N GLU B 3 -23.48 0.07 -15.17
CA GLU B 3 -24.12 1.13 -14.34
C GLU B 3 -23.45 1.17 -12.96
N ILE B 4 -23.33 2.40 -12.45
CA ILE B 4 -22.54 2.66 -11.26
C ILE B 4 -23.23 1.99 -10.07
N ALA B 5 -24.53 2.27 -9.90
CA ALA B 5 -25.29 1.70 -8.79
C ALA B 5 -25.13 0.18 -8.75
N GLN B 6 -25.18 -0.45 -9.93
CA GLN B 6 -25.18 -1.90 -10.02
C GLN B 6 -23.79 -2.44 -9.68
N THR B 7 -22.74 -1.76 -10.18
CA THR B 7 -21.40 -2.18 -9.84
C THR B 7 -21.20 -2.14 -8.33
N LEU B 8 -21.66 -1.07 -7.67
CA LEU B 8 -21.49 -0.94 -6.24
C LEU B 8 -22.25 -2.04 -5.50
N LYS B 9 -23.45 -2.37 -5.97
CA LYS B 9 -24.23 -3.43 -5.36
C LYS B 9 -23.51 -4.78 -5.52
N GLU B 10 -22.93 -5.02 -6.71
CA GLU B 10 -22.19 -6.25 -6.93
C GLU B 10 -21.00 -6.32 -5.98
N GLN B 11 -20.29 -5.20 -5.82
CA GLN B 11 -19.15 -5.15 -4.91
C GLN B 11 -19.58 -5.50 -3.49
N ALA B 12 -20.72 -4.94 -3.04
CA ALA B 12 -21.22 -5.19 -1.69
C ALA B 12 -21.50 -6.68 -1.50
N LYS B 13 -22.10 -7.30 -2.54
CA LYS B 13 -22.43 -8.72 -2.49
C LYS B 13 -21.17 -9.57 -2.39
N THR B 14 -20.17 -9.23 -3.20
CA THR B 14 -18.92 -9.98 -3.19
C THR B 14 -18.24 -9.84 -1.84
N LEU B 15 -18.28 -8.64 -1.28
CA LEU B 15 -17.67 -8.39 0.04
C LEU B 15 -18.32 -9.28 1.09
N LYS B 16 -19.64 -9.45 1.03
CA LYS B 16 -20.33 -10.33 1.96
C LYS B 16 -19.84 -11.78 1.82
N GLU B 17 -19.64 -12.23 0.58
CA GLU B 17 -19.14 -13.58 0.36
C GLU B 17 -17.74 -13.73 0.96
N ILE B 18 -16.89 -12.73 0.73
CA ILE B 18 -15.54 -12.72 1.25
C ILE B 18 -15.56 -12.81 2.78
N ALA B 19 -16.44 -12.01 3.41
CA ALA B 19 -16.55 -12.01 4.85
C ALA B 19 -16.96 -13.40 5.35
N TRP B 20 -17.91 -14.03 4.67
CA TRP B 20 -18.41 -15.34 5.08
C TRP B 20 -17.32 -16.40 4.98
N THR B 21 -16.61 -16.43 3.86
CA THR B 21 -15.57 -17.43 3.63
C THR B 21 -14.49 -17.28 4.69
N LEU B 22 -14.15 -16.03 5.04
CA LEU B 22 -13.14 -15.79 6.06
C LEU B 22 -13.62 -16.29 7.42
N LYS B 23 -14.91 -16.09 7.73
CA LYS B 23 -15.47 -16.62 8.97
C LYS B 23 -15.34 -18.14 9.01
N GLU B 24 -15.57 -18.82 7.89
CA GLU B 24 -15.43 -20.27 7.81
C GLU B 24 -13.99 -20.67 8.13
N ILE B 25 -13.04 -19.94 7.54
CA ILE B 25 -11.63 -20.21 7.76
C ILE B 25 -11.28 -20.02 9.22
N ALA B 26 -11.70 -18.89 9.80
CA ALA B 26 -11.41 -18.58 11.20
C ALA B 26 -11.99 -19.65 12.12
N GLN B 27 -13.20 -20.15 11.78
CA GLN B 27 -13.92 -21.09 12.62
C GLN B 27 -13.07 -22.35 12.81
N THR B 28 -12.45 -22.85 11.73
CA THR B 28 -11.74 -24.10 11.82
C THR B 28 -10.44 -23.92 12.62
N LEU B 29 -9.93 -22.69 12.70
CA LEU B 29 -8.65 -22.43 13.35
C LEU B 29 -8.84 -22.04 14.82
N LYS B 30 -10.10 -21.81 15.23
CA LYS B 30 -10.38 -21.21 16.54
C LYS B 30 -9.92 -22.16 17.66
C ACE C 1 -7.17 14.37 -8.56
O ACE C 1 -6.70 14.57 -7.46
CH3 ACE C 1 -6.29 14.03 -9.73
N GLY C 2 -8.49 14.43 -8.83
CA GLY C 2 -9.43 14.81 -7.75
C GLY C 2 -9.45 13.79 -6.62
N GLU C 3 -9.92 14.21 -5.44
CA GLU C 3 -9.82 13.42 -4.23
C GLU C 3 -10.63 12.13 -4.33
N ILE C 4 -11.87 12.19 -4.86
CA ILE C 4 -12.69 10.99 -4.93
C ILE C 4 -12.05 10.00 -5.92
N ALA C 5 -11.74 10.48 -7.12
CA ALA C 5 -11.12 9.65 -8.15
C ALA C 5 -9.87 8.95 -7.61
N GLN C 6 -9.07 9.68 -6.84
CA GLN C 6 -7.79 9.20 -6.35
C GLN C 6 -8.02 8.16 -5.26
N THR C 7 -8.98 8.40 -4.37
CA THR C 7 -9.32 7.43 -3.34
C THR C 7 -9.73 6.12 -4.00
N LEU C 8 -10.56 6.18 -5.04
CA LEU C 8 -11.05 4.97 -5.69
C LEU C 8 -9.88 4.22 -6.32
N LYS C 9 -8.95 4.96 -6.93
CA LYS C 9 -7.78 4.33 -7.54
C LYS C 9 -6.92 3.67 -6.47
N GLU C 10 -6.74 4.32 -5.33
CA GLU C 10 -5.97 3.76 -4.23
C GLU C 10 -6.64 2.47 -3.74
N GLN C 11 -7.97 2.48 -3.62
CA GLN C 11 -8.71 1.31 -3.19
C GLN C 11 -8.46 0.16 -4.16
N ALA C 12 -8.51 0.45 -5.47
CA ALA C 12 -8.31 -0.57 -6.49
C ALA C 12 -6.92 -1.19 -6.36
N LYS C 13 -5.92 -0.35 -6.10
CA LYS C 13 -4.54 -0.79 -5.94
C LYS C 13 -4.41 -1.68 -4.71
N THR C 14 -5.02 -1.30 -3.60
CA THR C 14 -4.97 -2.08 -2.38
C THR C 14 -5.65 -3.44 -2.60
N LEU C 15 -6.77 -3.44 -3.32
CA LEU C 15 -7.47 -4.67 -3.64
C LEU C 15 -6.57 -5.61 -4.45
N LYS C 16 -5.80 -5.08 -5.39
CA LYS C 16 -4.87 -5.88 -6.17
C LYS C 16 -3.80 -6.50 -5.26
N GLU C 17 -3.30 -5.75 -4.27
CA GLU C 17 -2.32 -6.28 -3.34
C GLU C 17 -2.93 -7.42 -2.54
N ILE C 18 -4.16 -7.22 -2.07
CA ILE C 18 -4.89 -8.23 -1.32
C ILE C 18 -5.04 -9.50 -2.16
N ALA C 19 -5.42 -9.34 -3.42
CA ALA C 19 -5.58 -10.48 -4.32
C ALA C 19 -4.27 -11.24 -4.46
N TRP C 20 -3.16 -10.51 -4.61
CA TRP C 20 -1.85 -11.13 -4.82
C TRP C 20 -1.42 -11.92 -3.58
N THR C 21 -1.57 -11.30 -2.40
CA THR C 21 -1.16 -11.93 -1.16
C THR C 21 -1.98 -13.21 -0.94
N LEU C 22 -3.28 -13.14 -1.25
CA LEU C 22 -4.14 -14.31 -1.11
C LEU C 22 -3.70 -15.43 -2.06
N LYS C 23 -3.30 -15.08 -3.29
CA LYS C 23 -2.80 -16.08 -4.21
C LYS C 23 -1.56 -16.75 -3.64
N GLU C 24 -0.67 -15.99 -3.01
CA GLU C 24 0.52 -16.56 -2.39
C GLU C 24 0.13 -17.56 -1.30
N ILE C 25 -0.85 -17.18 -0.48
CA ILE C 25 -1.32 -18.03 0.60
C ILE C 25 -1.90 -19.31 0.02
N ALA C 26 -2.78 -19.18 -0.99
CA ALA C 26 -3.41 -20.34 -1.60
C ALA C 26 -2.38 -21.28 -2.20
N GLN C 27 -1.32 -20.71 -2.78
CA GLN C 27 -0.30 -21.47 -3.48
C GLN C 27 0.36 -22.47 -2.51
N THR C 28 0.67 -22.02 -1.29
CA THR C 28 1.37 -22.86 -0.34
C THR C 28 0.47 -23.98 0.18
N LEU C 29 -0.86 -23.81 0.13
CA LEU C 29 -1.79 -24.81 0.65
C LEU C 29 -2.22 -25.78 -0.46
N GLY D 2 13.15 29.72 3.49
CA GLY D 2 14.19 29.41 4.49
C GLY D 2 14.65 27.96 4.43
N GLU D 3 15.44 27.57 5.42
CA GLU D 3 16.12 26.28 5.42
C GLU D 3 15.13 25.13 5.49
N ILE D 4 14.10 25.21 6.34
CA ILE D 4 13.14 24.11 6.48
C ILE D 4 12.37 23.96 5.16
N ALA D 5 11.81 25.08 4.68
CA ALA D 5 11.03 25.06 3.44
C ALA D 5 11.84 24.42 2.31
N GLN D 6 13.14 24.77 2.24
CA GLN D 6 14.00 24.36 1.15
C GLN D 6 14.32 22.87 1.27
N THR D 7 14.58 22.41 2.49
CA THR D 7 14.82 21.00 2.72
C THR D 7 13.61 20.18 2.26
N LEU D 8 12.40 20.64 2.60
CA LEU D 8 11.20 19.91 2.25
C LEU D 8 11.04 19.87 0.72
N LYS D 9 11.33 20.98 0.07
CA LYS D 9 11.25 21.05 -1.39
C LYS D 9 12.27 20.11 -2.02
N GLU D 10 13.48 20.05 -1.47
CA GLU D 10 14.50 19.15 -1.98
C GLU D 10 14.02 17.69 -1.84
N GLN D 11 13.44 17.37 -0.67
CA GLN D 11 12.93 16.03 -0.44
C GLN D 11 11.89 15.67 -1.50
N ALA D 12 10.96 16.60 -1.76
CA ALA D 12 9.89 16.36 -2.71
C ALA D 12 10.45 16.09 -4.10
N LYS D 13 11.48 16.86 -4.48
CA LYS D 13 12.11 16.71 -5.78
C LYS D 13 12.79 15.37 -5.90
N THR D 14 13.52 14.97 -4.85
CA THR D 14 14.21 13.69 -4.87
C THR D 14 13.20 12.55 -4.95
N LEU D 15 12.09 12.68 -4.23
CA LEU D 15 11.04 11.67 -4.28
C LEU D 15 10.50 11.50 -5.69
N LYS D 16 10.32 12.61 -6.41
CA LYS D 16 9.86 12.55 -7.80
C LYS D 16 10.87 11.80 -8.67
N GLU D 17 12.17 12.04 -8.45
CA GLU D 17 13.20 11.34 -9.22
C GLU D 17 13.12 9.85 -8.94
N ILE D 18 12.97 9.49 -7.65
CA ILE D 18 12.88 8.11 -7.23
C ILE D 18 11.68 7.45 -7.91
N ALA D 19 10.53 8.14 -7.92
CA ALA D 19 9.33 7.61 -8.53
C ALA D 19 9.57 7.34 -10.03
N TRP D 20 10.25 8.27 -10.71
CA TRP D 20 10.46 8.15 -12.14
C TRP D 20 11.40 6.97 -12.45
N THR D 21 12.50 6.87 -11.71
CA THR D 21 13.45 5.80 -11.93
C THR D 21 12.79 4.44 -11.71
N LEU D 22 11.93 4.35 -10.69
CA LEU D 22 11.24 3.11 -10.41
C LEU D 22 10.28 2.75 -11.54
N LYS D 23 9.61 3.77 -12.12
CA LYS D 23 8.74 3.53 -13.26
C LYS D 23 9.55 2.95 -14.43
N GLU D 24 10.77 3.47 -14.65
CA GLU D 24 11.63 2.96 -15.70
C GLU D 24 11.96 1.49 -15.46
N ILE D 25 12.30 1.17 -14.21
CA ILE D 25 12.64 -0.18 -13.83
C ILE D 25 11.44 -1.10 -14.06
N ALA D 26 10.27 -0.70 -13.59
CA ALA D 26 9.05 -1.49 -13.72
C ALA D 26 8.74 -1.74 -15.19
N GLN D 27 8.96 -0.71 -16.03
CA GLN D 27 8.61 -0.77 -17.43
C GLN D 27 9.33 -1.92 -18.11
N THR D 28 10.62 -2.08 -17.81
CA THR D 28 11.40 -3.10 -18.50
C THR D 28 11.01 -4.51 -18.02
N LEU D 29 10.43 -4.61 -16.83
CA LEU D 29 10.11 -5.91 -16.25
C LEU D 29 8.68 -6.34 -16.55
N LYS D 30 7.84 -5.41 -17.05
CA LYS D 30 6.48 -5.73 -17.41
C LYS D 30 6.51 -6.59 -18.67
C ACE E 1 -30.56 6.85 1.95
O ACE E 1 -31.47 6.09 1.77
CH3 ACE E 1 -30.06 7.13 3.36
N GLY E 2 -29.98 7.54 0.96
CA GLY E 2 -30.18 7.15 -0.45
C GLY E 2 -29.41 5.87 -0.78
N GLU E 3 -29.70 5.31 -1.97
CA GLU E 3 -29.23 3.98 -2.31
C GLU E 3 -27.70 3.91 -2.40
N ILE E 4 -27.07 4.90 -3.06
CA ILE E 4 -25.62 4.86 -3.21
C ILE E 4 -24.96 5.01 -1.84
N ALA E 5 -25.37 6.03 -1.09
CA ALA E 5 -24.80 6.27 0.24
C ALA E 5 -24.89 5.01 1.10
N GLN E 6 -26.03 4.31 1.02
CA GLN E 6 -26.30 3.17 1.87
C GLN E 6 -25.42 1.99 1.44
N THR E 7 -25.29 1.78 0.13
CA THR E 7 -24.44 0.72 -0.38
C THR E 7 -23.00 0.94 0.12
N LEU E 8 -22.52 2.18 0.05
CA LEU E 8 -21.14 2.47 0.46
C LEU E 8 -20.98 2.20 1.95
N LYS E 9 -21.98 2.58 2.75
CA LYS E 9 -21.93 2.33 4.18
C LYS E 9 -21.91 0.83 4.47
N GLU E 10 -22.72 0.06 3.73
CA GLU E 10 -22.74 -1.39 3.91
C GLU E 10 -21.37 -1.98 3.58
N GLN E 11 -20.76 -1.49 2.49
CA GLN E 11 -19.44 -1.95 2.09
C GLN E 11 -18.43 -1.69 3.20
N ALA E 12 -18.48 -0.49 3.79
CA ALA E 12 -17.56 -0.11 4.84
C ALA E 12 -17.70 -1.04 6.04
N LYS E 13 -18.95 -1.38 6.38
CA LYS E 13 -19.25 -2.25 7.51
C LYS E 13 -18.70 -3.65 7.25
N THR E 14 -18.92 -4.17 6.03
CA THR E 14 -18.45 -5.50 5.69
C THR E 14 -16.93 -5.54 5.73
N LEU E 15 -16.28 -4.47 5.24
CA LEU E 15 -14.83 -4.39 5.25
C LEU E 15 -14.30 -4.47 6.69
N LYS E 16 -14.98 -3.80 7.63
CA LYS E 16 -14.57 -3.86 9.04
C LYS E 16 -14.68 -5.29 9.57
N GLU E 17 -15.74 -6.01 9.19
CA GLU E 17 -15.88 -7.40 9.62
C GLU E 17 -14.73 -8.24 9.08
N ILE E 18 -14.42 -8.04 7.80
CA ILE E 18 -13.34 -8.76 7.13
C ILE E 18 -12.03 -8.50 7.87
N ALA E 19 -11.76 -7.22 8.18
CA ALA E 19 -10.53 -6.86 8.88
C ALA E 19 -10.45 -7.56 10.23
N TRP E 20 -11.57 -7.61 10.96
CA TRP E 20 -11.58 -8.20 12.29
C TRP E 20 -11.33 -9.70 12.23
N THR E 21 -12.01 -10.39 11.30
CA THR E 21 -11.86 -11.83 11.17
C THR E 21 -10.41 -12.17 10.81
N LEU E 22 -9.82 -11.36 9.93
CA LEU E 22 -8.43 -11.59 9.54
C LEU E 22 -7.48 -11.40 10.73
N LYS E 23 -7.76 -10.40 11.57
CA LYS E 23 -6.96 -10.21 12.78
C LYS E 23 -7.03 -11.45 13.67
N GLU E 24 -8.23 -12.04 13.80
CA GLU E 24 -8.39 -13.23 14.61
C GLU E 24 -7.55 -14.38 14.04
N ILE E 25 -7.58 -14.52 12.71
CA ILE E 25 -6.83 -15.57 12.04
C ILE E 25 -5.33 -15.37 12.27
N ALA E 26 -4.86 -14.13 12.06
CA ALA E 26 -3.45 -13.82 12.23
C ALA E 26 -3.00 -14.10 13.66
N GLN E 27 -3.86 -13.79 14.63
CA GLN E 27 -3.54 -13.90 16.03
C GLN E 27 -3.17 -15.35 16.37
N THR E 28 -3.94 -16.31 15.85
CA THR E 28 -3.73 -17.70 16.22
C THR E 28 -2.45 -18.24 15.58
N LEU E 29 -1.98 -17.63 14.48
CA LEU E 29 -0.77 -18.09 13.81
C LEU E 29 0.48 -17.38 14.35
N GLY F 2 -16.00 5.99 -18.52
CA GLY F 2 -14.86 6.84 -18.15
C GLY F 2 -14.10 6.30 -16.94
N GLU F 3 -13.25 7.15 -16.38
CA GLU F 3 -12.24 6.73 -15.42
C GLU F 3 -12.88 6.21 -14.14
N ILE F 4 -13.90 6.89 -13.60
CA ILE F 4 -14.52 6.45 -12.36
C ILE F 4 -15.21 5.10 -12.59
N ALA F 5 -16.05 5.04 -13.63
CA ALA F 5 -16.77 3.81 -13.95
C ALA F 5 -15.80 2.63 -14.07
N GLN F 6 -14.65 2.86 -14.71
CA GLN F 6 -13.69 1.81 -14.99
C GLN F 6 -12.99 1.38 -13.72
N THR F 7 -12.63 2.34 -12.86
CA THR F 7 -12.04 2.00 -11.57
C THR F 7 -12.99 1.10 -10.78
N LEU F 8 -14.28 1.45 -10.76
CA LEU F 8 -15.24 0.68 -9.98
C LEU F 8 -15.36 -0.73 -10.56
N LYS F 9 -15.35 -0.84 -11.88
CA LYS F 9 -15.43 -2.14 -12.54
C LYS F 9 -14.19 -2.97 -12.20
N GLU F 10 -13.01 -2.35 -12.19
CA GLU F 10 -11.79 -3.05 -11.84
C GLU F 10 -11.88 -3.55 -10.40
N GLN F 11 -12.38 -2.71 -9.49
CA GLN F 11 -12.54 -3.09 -8.10
C GLN F 11 -13.44 -4.32 -7.99
N ALA F 12 -14.57 -4.31 -8.72
CA ALA F 12 -15.52 -5.40 -8.68
C ALA F 12 -14.86 -6.70 -9.15
N LYS F 13 -14.05 -6.60 -10.21
CA LYS F 13 -13.37 -7.75 -10.79
C LYS F 13 -12.37 -8.32 -9.79
N THR F 14 -11.60 -7.44 -9.15
CA THR F 14 -10.60 -7.87 -8.20
C THR F 14 -11.28 -8.54 -7.01
N LEU F 15 -12.41 -7.98 -6.56
CA LEU F 15 -13.16 -8.56 -5.46
C LEU F 15 -13.60 -9.99 -5.78
N LYS F 16 -14.03 -10.22 -7.03
CA LYS F 16 -14.42 -11.56 -7.45
C LYS F 16 -13.24 -12.53 -7.39
N GLU F 17 -12.05 -12.06 -7.80
CA GLU F 17 -10.86 -12.89 -7.72
C GLU F 17 -10.55 -13.23 -6.27
N ILE F 18 -10.64 -12.23 -5.40
CA ILE F 18 -10.39 -12.40 -3.98
C ILE F 18 -11.35 -13.46 -3.42
N ALA F 19 -12.63 -13.35 -3.77
CA ALA F 19 -13.63 -14.29 -3.31
C ALA F 19 -13.28 -15.72 -3.76
N TRP F 20 -12.85 -15.87 -5.01
CA TRP F 20 -12.54 -17.18 -5.57
C TRP F 20 -11.33 -17.80 -4.85
N THR F 21 -10.26 -17.01 -4.68
CA THR F 21 -9.06 -17.49 -4.04
C THR F 21 -9.35 -17.92 -2.62
N LEU F 22 -10.19 -17.15 -1.92
CA LEU F 22 -10.56 -17.48 -0.55
C LEU F 22 -11.34 -18.79 -0.52
N LYS F 23 -12.22 -19.01 -1.49
CA LYS F 23 -12.95 -20.28 -1.58
C LYS F 23 -11.95 -21.44 -1.74
N GLU F 24 -10.92 -21.26 -2.56
CA GLU F 24 -9.90 -22.29 -2.74
C GLU F 24 -9.20 -22.58 -1.41
N ILE F 25 -8.87 -21.53 -0.67
CA ILE F 25 -8.21 -21.67 0.63
C ILE F 25 -9.12 -22.42 1.59
N ALA F 26 -10.38 -22.01 1.68
CA ALA F 26 -11.35 -22.64 2.57
C ALA F 26 -11.51 -24.12 2.22
N GLN F 27 -11.50 -24.44 0.93
CA GLN F 27 -11.74 -25.79 0.45
C GLN F 27 -10.69 -26.74 1.02
N THR F 28 -9.43 -26.32 1.04
CA THR F 28 -8.36 -27.19 1.48
C THR F 28 -8.43 -27.42 3.00
N LEU F 29 -9.06 -26.49 3.73
CA LEU F 29 -9.10 -26.55 5.18
C LEU F 29 -10.37 -27.24 5.69
N LYS F 30 -11.36 -27.49 4.83
CA LYS F 30 -12.69 -27.90 5.25
C LYS F 30 -12.66 -29.30 5.89
N GLU G 3 4.54 11.91 18.72
CA GLU G 3 4.37 13.33 18.32
C GLU G 3 5.02 13.54 16.94
N ILE G 4 5.17 14.81 16.55
CA ILE G 4 5.81 15.16 15.31
C ILE G 4 7.27 14.72 15.34
N ALA G 5 8.00 15.07 16.40
CA ALA G 5 9.41 14.68 16.51
C ALA G 5 9.58 13.17 16.30
N GLN G 6 8.68 12.38 16.89
CA GLN G 6 8.79 10.93 16.87
C GLN G 6 8.47 10.39 15.49
N THR G 7 7.43 10.96 14.85
CA THR G 7 7.09 10.56 13.50
C THR G 7 8.29 10.79 12.58
N LEU G 8 8.95 11.95 12.70
CA LEU G 8 10.06 12.28 11.83
C LEU G 8 11.21 11.31 12.07
N LYS G 9 11.46 10.97 13.33
CA LYS G 9 12.53 10.03 13.67
C LYS G 9 12.21 8.66 13.07
N GLU G 10 10.94 8.22 13.15
CA GLU G 10 10.55 6.94 12.59
C GLU G 10 10.77 6.96 11.08
N GLN G 11 10.38 8.06 10.42
CA GLN G 11 10.56 8.19 8.98
C GLN G 11 12.04 8.05 8.61
N ALA G 12 12.91 8.73 9.38
CA ALA G 12 14.34 8.71 9.11
C ALA G 12 14.88 7.28 9.23
N LYS G 13 14.40 6.54 10.24
CA LYS G 13 14.85 5.18 10.48
C LYS G 13 14.41 4.28 9.33
N THR G 14 13.14 4.43 8.89
CA THR G 14 12.64 3.62 7.81
C THR G 14 13.41 3.90 6.53
N LEU G 15 13.72 5.17 6.29
CA LEU G 15 14.47 5.55 5.10
C LEU G 15 15.85 4.89 5.10
N LYS G 16 16.49 4.80 6.27
CA LYS G 16 17.79 4.14 6.37
C LYS G 16 17.66 2.66 6.02
N GLU G 17 16.58 2.00 6.47
CA GLU G 17 16.39 0.60 6.13
C GLU G 17 16.22 0.45 4.63
N ILE G 18 15.41 1.33 4.03
CA ILE G 18 15.17 1.32 2.59
C ILE G 18 16.49 1.47 1.85
N ALA G 19 17.32 2.42 2.28
CA ALA G 19 18.61 2.67 1.64
C ALA G 19 19.47 1.40 1.71
N TRP G 20 19.49 0.73 2.87
CA TRP G 20 20.33 -0.44 3.06
C TRP G 20 19.88 -1.59 2.16
N THR G 21 18.56 -1.85 2.15
CA THR G 21 18.03 -2.93 1.35
C THR G 21 18.32 -2.70 -0.13
N LEU G 22 18.21 -1.44 -0.58
CA LEU G 22 18.49 -1.11 -1.95
C LEU G 22 19.96 -1.34 -2.28
N LYS G 23 20.86 -1.02 -1.35
CA LYS G 23 22.27 -1.29 -1.56
C LYS G 23 22.50 -2.80 -1.74
N GLU G 24 21.80 -3.62 -0.95
CA GLU G 24 21.93 -5.07 -1.07
C GLU G 24 21.47 -5.52 -2.46
N ILE G 25 20.36 -4.96 -2.93
CA ILE G 25 19.81 -5.30 -4.23
C ILE G 25 20.81 -4.92 -5.31
N ALA G 26 21.31 -3.68 -5.25
CA ALA G 26 22.26 -3.18 -6.24
C ALA G 26 23.51 -4.05 -6.29
N GLN G 27 23.96 -4.50 -5.11
CA GLN G 27 25.21 -5.24 -4.98
C GLN G 27 25.13 -6.52 -5.82
N THR G 28 23.99 -7.22 -5.76
CA THR G 28 23.87 -8.50 -6.43
C THR G 28 23.82 -8.31 -7.95
N LEU G 29 23.41 -7.12 -8.40
CA LEU G 29 23.24 -6.87 -9.83
C LEU G 29 24.50 -6.24 -10.43
N LYS G 30 25.45 -5.83 -9.58
CA LYS G 30 26.62 -5.07 -10.01
C LYS G 30 27.47 -5.93 -10.95
N GLY H 2 18.85 22.77 14.92
CA GLY H 2 18.45 21.89 16.03
C GLY H 2 17.88 20.57 15.52
N GLU H 3 17.15 19.87 16.41
CA GLU H 3 16.85 18.46 16.23
C GLU H 3 15.94 18.25 15.01
N ILE H 4 14.89 19.06 14.86
CA ILE H 4 13.95 18.90 13.77
C ILE H 4 14.65 19.18 12.45
N ALA H 5 15.33 20.34 12.37
CA ALA H 5 16.04 20.72 11.16
C ALA H 5 17.00 19.61 10.72
N GLN H 6 17.69 19.01 11.69
CA GLN H 6 18.72 18.03 11.41
C GLN H 6 18.09 16.72 10.94
N THR H 7 16.98 16.32 11.56
CA THR H 7 16.28 15.14 11.12
C THR H 7 15.86 15.29 9.66
N LEU H 8 15.32 16.47 9.31
CA LEU H 8 14.85 16.69 7.95
C LEU H 8 16.02 16.62 6.97
N LYS H 9 17.15 17.19 7.35
CA LYS H 9 18.35 17.15 6.51
C LYS H 9 18.82 15.70 6.34
N GLU H 10 18.80 14.90 7.41
CA GLU H 10 19.19 13.51 7.32
C GLU H 10 18.25 12.76 6.36
N GLN H 11 16.95 13.03 6.46
CA GLN H 11 15.98 12.41 5.57
C GLN H 11 16.32 12.73 4.11
N ALA H 12 16.61 14.01 3.84
CA ALA H 12 16.93 14.45 2.49
C ALA H 12 18.16 13.71 1.96
N LYS H 13 19.17 13.55 2.81
CA LYS H 13 20.40 12.87 2.45
C LYS H 13 20.12 11.41 2.12
N THR H 14 19.33 10.74 2.96
CA THR H 14 19.02 9.33 2.75
C THR H 14 18.25 9.18 1.44
N LEU H 15 17.32 10.10 1.17
CA LEU H 15 16.56 10.06 -0.07
C LEU H 15 17.48 10.14 -1.28
N LYS H 16 18.50 11.00 -1.21
CA LYS H 16 19.46 11.12 -2.29
C LYS H 16 20.22 9.81 -2.49
N GLU H 17 20.59 9.13 -1.40
CA GLU H 17 21.28 7.86 -1.53
C GLU H 17 20.38 6.84 -2.22
N ILE H 18 19.10 6.81 -1.81
CA ILE H 18 18.12 5.92 -2.39
C ILE H 18 18.01 6.17 -3.89
N ALA H 19 17.90 7.45 -4.26
CA ALA H 19 17.79 7.84 -5.66
C ALA H 19 19.00 7.36 -6.44
N TRP H 20 20.21 7.51 -5.88
CA TRP H 20 21.43 7.15 -6.57
C TRP H 20 21.50 5.64 -6.79
N THR H 21 21.21 4.86 -5.74
CA THR H 21 21.26 3.41 -5.82
C THR H 21 20.26 2.92 -6.87
N LEU H 22 19.07 3.53 -6.90
CA LEU H 22 18.06 3.15 -7.87
C LEU H 22 18.52 3.46 -9.29
N LYS H 23 19.20 4.58 -9.49
CA LYS H 23 19.75 4.92 -10.80
C LYS H 23 20.75 3.85 -11.22
N GLU H 24 21.58 3.37 -10.29
CA GLU H 24 22.55 2.32 -10.61
C GLU H 24 21.81 1.06 -11.05
N ILE H 25 20.74 0.71 -10.33
CA ILE H 25 19.95 -0.47 -10.66
C ILE H 25 19.35 -0.32 -12.05
N ALA H 26 18.72 0.84 -12.31
CA ALA H 26 18.08 1.09 -13.59
C ALA H 26 19.09 1.01 -14.73
N GLN H 27 20.31 1.51 -14.49
CA GLN H 27 21.34 1.59 -15.50
C GLN H 27 21.67 0.20 -16.03
N THR H 28 21.78 -0.78 -15.13
CA THR H 28 22.17 -2.12 -15.56
C THR H 28 21.05 -2.81 -16.33
N LEU H 29 19.81 -2.37 -16.13
CA LEU H 29 18.65 -3.02 -16.73
C LEU H 29 18.24 -2.35 -18.04
N LYS H 30 18.81 -1.19 -18.36
CA LYS H 30 18.42 -0.44 -19.55
C LYS H 30 18.76 -1.23 -20.84
N GLY I 2 -17.48 15.58 3.27
CA GLY I 2 -18.85 15.15 3.63
C GLY I 2 -18.95 13.63 3.76
N GLU I 3 -20.19 13.14 3.80
CA GLU I 3 -20.49 11.77 4.19
C GLU I 3 -19.91 10.78 3.19
N ILE I 4 -20.06 11.03 1.88
CA ILE I 4 -19.57 10.09 0.88
C ILE I 4 -18.05 10.05 0.94
N ALA I 5 -17.41 11.22 0.90
CA ALA I 5 -15.96 11.31 0.94
C ALA I 5 -15.41 10.55 2.16
N GLN I 6 -16.09 10.69 3.30
CA GLN I 6 -15.61 10.11 4.55
C GLN I 6 -15.77 8.59 4.53
N THR I 7 -16.91 8.11 3.99
CA THR I 7 -17.12 6.68 3.86
C THR I 7 -16.00 6.07 3.01
N LEU I 8 -15.67 6.73 1.89
CA LEU I 8 -14.67 6.20 0.98
C LEU I 8 -13.31 6.18 1.69
N LYS I 9 -13.00 7.22 2.46
CA LYS I 9 -11.74 7.27 3.19
C LYS I 9 -11.69 6.15 4.23
N GLU I 10 -12.81 5.89 4.92
CA GLU I 10 -12.84 4.82 5.90
C GLU I 10 -12.60 3.48 5.20
N GLN I 11 -13.25 3.28 4.04
CA GLN I 11 -13.07 2.06 3.28
C GLN I 11 -11.58 1.85 2.93
N ALA I 12 -10.93 2.92 2.46
CA ALA I 12 -9.54 2.86 2.07
C ALA I 12 -8.67 2.45 3.25
N LYS I 13 -8.96 3.02 4.42
CA LYS I 13 -8.20 2.75 5.62
C LYS I 13 -8.35 1.28 6.03
N THR I 14 -9.59 0.78 5.99
CA THR I 14 -9.85 -0.60 6.36
C THR I 14 -9.14 -1.55 5.40
N LEU I 15 -9.16 -1.20 4.11
CA LEU I 15 -8.50 -2.02 3.11
C LEU I 15 -7.00 -2.12 3.39
N LYS I 16 -6.39 -1.01 3.81
CA LYS I 16 -4.97 -1.03 4.16
C LYS I 16 -4.70 -1.97 5.34
N GLU I 17 -5.60 -1.96 6.34
CA GLU I 17 -5.44 -2.86 7.48
C GLU I 17 -5.51 -4.31 7.02
N ILE I 18 -6.50 -4.60 6.16
CA ILE I 18 -6.70 -5.92 5.61
C ILE I 18 -5.44 -6.38 4.88
N ALA I 19 -4.88 -5.49 4.04
CA ALA I 19 -3.69 -5.82 3.27
C ALA I 19 -2.53 -6.15 4.21
N TRP I 20 -2.37 -5.38 5.29
CA TRP I 20 -1.27 -5.57 6.21
C TRP I 20 -1.40 -6.90 6.95
N THR I 21 -2.60 -7.20 7.46
CA THR I 21 -2.83 -8.42 8.20
C THR I 21 -2.56 -9.63 7.30
N LEU I 22 -2.99 -9.54 6.04
CA LEU I 22 -2.77 -10.63 5.09
C LEU I 22 -1.28 -10.83 4.84
N LYS I 23 -0.51 -9.74 4.75
CA LYS I 23 0.94 -9.85 4.58
C LYS I 23 1.54 -10.60 5.77
N GLU I 24 1.06 -10.29 6.99
CA GLU I 24 1.56 -10.97 8.18
C GLU I 24 1.28 -12.47 8.09
N ILE I 25 0.06 -12.82 7.66
CA ILE I 25 -0.35 -14.20 7.54
C ILE I 25 0.52 -14.91 6.51
N ALA I 26 0.70 -14.29 5.34
CA ALA I 26 1.49 -14.88 4.27
C ALA I 26 2.93 -15.10 4.73
N GLN I 27 3.46 -14.15 5.51
CA GLN I 27 4.85 -14.18 5.94
C GLN I 27 5.11 -15.46 6.74
N THR I 28 4.19 -15.83 7.64
CA THR I 28 4.43 -16.97 8.50
C THR I 28 4.34 -18.29 7.72
N LEU I 29 3.63 -18.26 6.58
CA LEU I 29 3.38 -19.47 5.80
C LEU I 29 4.42 -19.66 4.70
N LYS I 30 5.21 -18.63 4.41
CA LYS I 30 6.36 -18.75 3.53
C LYS I 30 7.40 -19.61 4.26
N GLY J 2 -3.88 16.97 13.78
CA GLY J 2 -4.17 17.94 12.69
C GLY J 2 -3.60 17.50 11.35
N GLU J 3 -3.74 18.37 10.36
CA GLU J 3 -3.44 18.02 8.97
C GLU J 3 -1.95 17.71 8.78
N ILE J 4 -1.05 18.51 9.37
CA ILE J 4 0.37 18.29 9.18
C ILE J 4 0.77 16.97 9.85
N ALA J 5 0.38 16.82 11.12
CA ALA J 5 0.69 15.62 11.88
C ALA J 5 0.23 14.37 11.11
N GLN J 6 -0.94 14.44 10.51
CA GLN J 6 -1.56 13.30 9.86
C GLN J 6 -0.84 12.99 8.56
N THR J 7 -0.47 14.02 7.80
CA THR J 7 0.31 13.82 6.59
C THR J 7 1.61 13.10 6.93
N LEU J 8 2.28 13.52 8.00
CA LEU J 8 3.55 12.91 8.37
C LEU J 8 3.34 11.44 8.76
N LYS J 9 2.25 11.15 9.47
CA LYS J 9 1.94 9.79 9.86
C LYS J 9 1.66 8.94 8.62
N GLU J 10 0.94 9.50 7.63
CA GLU J 10 0.66 8.77 6.40
C GLU J 10 1.97 8.47 5.68
N GLN J 11 2.88 9.46 5.64
CA GLN J 11 4.18 9.27 5.02
C GLN J 11 4.93 8.11 5.68
N ALA J 12 4.91 8.08 7.02
CA ALA J 12 5.60 7.05 7.77
C ALA J 12 5.06 5.66 7.43
N LYS J 13 3.73 5.57 7.30
CA LYS J 13 3.08 4.32 6.96
C LYS J 13 3.47 3.85 5.56
N THR J 14 3.48 4.79 4.60
CA THR J 14 3.85 4.45 3.24
C THR J 14 5.31 3.98 3.19
N LEU J 15 6.17 4.65 3.96
CA LEU J 15 7.57 4.28 4.01
C LEU J 15 7.73 2.84 4.53
N LYS J 16 6.92 2.44 5.52
CA LYS J 16 6.96 1.09 6.02
C LYS J 16 6.58 0.09 4.93
N GLU J 17 5.57 0.41 4.11
CA GLU J 17 5.19 -0.45 3.02
C GLU J 17 6.36 -0.60 2.04
N ILE J 18 6.98 0.52 1.70
CA ILE J 18 8.12 0.56 0.80
C ILE J 18 9.24 -0.33 1.32
N ALA J 19 9.55 -0.20 2.61
CA ALA J 19 10.60 -0.98 3.23
C ALA J 19 10.29 -2.48 3.12
N TRP J 20 9.03 -2.86 3.36
CA TRP J 20 8.65 -4.25 3.33
C TRP J 20 8.76 -4.84 1.93
N THR J 21 8.25 -4.11 0.93
CA THR J 21 8.29 -4.57 -0.45
C THR J 21 9.74 -4.75 -0.90
N LEU J 22 10.61 -3.82 -0.49
CA LEU J 22 12.01 -3.91 -0.87
C LEU J 22 12.67 -5.14 -0.24
N LYS J 23 12.31 -5.44 1.02
CA LYS J 23 12.82 -6.66 1.65
C LYS J 23 12.39 -7.89 0.86
N GLU J 24 11.15 -7.92 0.38
CA GLU J 24 10.66 -9.03 -0.41
C GLU J 24 11.49 -9.17 -1.69
N ILE J 25 11.78 -8.04 -2.34
CA ILE J 25 12.55 -8.03 -3.57
C ILE J 25 13.95 -8.57 -3.29
N ALA J 26 14.60 -8.06 -2.24
CA ALA J 26 15.95 -8.47 -1.89
C ALA J 26 15.99 -9.97 -1.60
N GLN J 27 14.94 -10.49 -0.94
CA GLN J 27 14.89 -11.87 -0.52
C GLN J 27 14.99 -12.81 -1.73
N THR J 28 14.29 -12.48 -2.81
CA THR J 28 14.25 -13.35 -3.96
C THR J 28 15.61 -13.34 -4.70
N LEU J 29 16.38 -12.27 -4.52
CA LEU J 29 17.63 -12.10 -5.26
C LEU J 29 18.83 -12.62 -4.47
N LYS J 30 18.68 -12.88 -3.16
CA LYS J 30 19.87 -13.14 -2.36
C LYS J 30 20.47 -14.51 -2.70
#